data_3OT2
#
_entry.id   3OT2
#
_cell.length_a   119.600
_cell.length_b   119.600
_cell.length_c   119.600
_cell.angle_alpha   90.000
_cell.angle_beta   90.000
_cell.angle_gamma   90.000
#
_symmetry.space_group_name_H-M   'P 2 3'
#
loop_
_entity.id
_entity.type
_entity.pdbx_description
1 polymer 'Uncharacterized protein'
2 non-polymer 'ACETATE ION'
3 non-polymer 1,4-BUTANEDIOL
4 non-polymer 'CHLORIDE ION'
5 non-polymer 1,2-ETHANEDIOL
6 water water
#
_entity_poly.entity_id   1
_entity_poly.type   'polypeptide(L)'
_entity_poly.pdbx_seq_one_letter_code
;G(MSE)VQTPSKPITLDEFLKLPETEPASEYIEGKIIQKP(MSE)PQGKHSAIQSECVSVINSVVKPQRIARAFLELRCT
FGDHSTVPDISVFIWSRIPREENGEIANIFLIAPDWTIEILSPDQSQTKVTKNILHCLKHGTQ(MSE)GWLIDPDEQTVF
VYRPQQETEVFDEPDALVPVPSFASELHLSIKDLFSWLL
;
_entity_poly.pdbx_strand_id   A,B
#
loop_
_chem_comp.id
_chem_comp.type
_chem_comp.name
_chem_comp.formula
ACT non-polymer 'ACETATE ION' 'C2 H3 O2 -1'
BU1 non-polymer 1,4-BUTANEDIOL 'C4 H10 O2'
CL non-polymer 'CHLORIDE ION' 'Cl -1'
EDO non-polymer 1,2-ETHANEDIOL 'C2 H6 O2'
#
# COMPACT_ATOMS: atom_id res chain seq x y z
N PRO A 9 3.97 13.94 -23.07
CA PRO A 9 5.32 14.35 -23.51
C PRO A 9 5.68 15.73 -22.94
N ILE A 10 6.07 15.76 -21.67
CA ILE A 10 6.41 17.00 -20.95
C ILE A 10 7.50 16.73 -19.89
N THR A 11 8.41 17.71 -19.70
CA THR A 11 9.48 17.64 -18.70
C THR A 11 9.00 18.32 -17.43
N LEU A 12 9.74 18.13 -16.32
CA LEU A 12 9.41 18.77 -15.04
C LEU A 12 9.53 20.31 -15.17
N ASP A 13 10.63 20.81 -15.79
CA ASP A 13 10.89 22.25 -16.00
C ASP A 13 9.74 22.91 -16.77
N GLU A 14 9.24 22.22 -17.83
CA GLU A 14 8.10 22.66 -18.64
C GLU A 14 6.82 22.64 -17.79
N PHE A 15 6.60 21.56 -17.02
CA PHE A 15 5.42 21.41 -16.15
C PHE A 15 5.31 22.56 -15.14
N LEU A 16 6.43 22.95 -14.52
CA LEU A 16 6.48 23.98 -13.49
C LEU A 16 6.19 25.39 -14.04
N LYS A 17 6.23 25.58 -15.36
CA LYS A 17 5.90 26.86 -15.99
C LYS A 17 4.38 26.98 -16.19
N LEU A 18 3.66 25.84 -16.14
CA LEU A 18 2.21 25.76 -16.36
C LEU A 18 1.40 26.39 -15.19
N PRO A 19 0.15 26.85 -15.43
CA PRO A 19 -0.62 27.48 -14.34
C PRO A 19 -1.16 26.47 -13.33
N GLU A 20 -1.43 26.92 -12.07
CA GLU A 20 -2.01 26.06 -11.03
C GLU A 20 -3.48 25.72 -11.37
N THR A 21 -3.96 24.53 -10.95
CA THR A 21 -5.32 24.05 -11.21
C THR A 21 -6.04 23.77 -9.89
N GLU A 22 -7.39 23.64 -9.92
CA GLU A 22 -8.18 23.29 -8.72
C GLU A 22 -9.08 22.10 -9.07
N PRO A 23 -8.76 20.88 -8.55
CA PRO A 23 -7.67 20.53 -7.61
C PRO A 23 -6.29 20.63 -8.26
N ALA A 24 -5.23 20.72 -7.43
CA ALA A 24 -3.85 20.86 -7.92
C ALA A 24 -3.41 19.67 -8.79
N SER A 25 -2.46 19.93 -9.69
CA SER A 25 -1.89 18.94 -10.58
C SER A 25 -0.54 18.49 -10.08
N GLU A 26 -0.30 17.18 -10.16
CA GLU A 26 0.97 16.58 -9.79
C GLU A 26 1.66 16.10 -11.04
N TYR A 27 3.00 16.10 -11.00
CA TYR A 27 3.85 15.61 -12.09
C TYR A 27 4.57 14.38 -11.53
N ILE A 28 4.09 13.18 -11.94
CA ILE A 28 4.56 11.90 -11.42
C ILE A 28 4.96 11.01 -12.57
N GLU A 29 6.22 10.57 -12.58
CA GLU A 29 6.78 9.66 -13.59
C GLU A 29 6.53 10.18 -15.02
N GLY A 30 6.67 11.50 -15.20
CA GLY A 30 6.49 12.18 -16.47
C GLY A 30 5.05 12.45 -16.89
N LYS A 31 4.07 12.08 -16.04
CA LYS A 31 2.64 12.25 -16.31
C LYS A 31 2.03 13.33 -15.43
N ILE A 32 1.06 14.07 -15.98
CA ILE A 32 0.34 15.09 -15.23
C ILE A 32 -0.96 14.46 -14.72
N ILE A 33 -1.12 14.39 -13.40
CA ILE A 33 -2.29 13.81 -12.76
C ILE A 33 -2.87 14.83 -11.80
N GLN A 34 -4.15 15.17 -12.02
CA GLN A 34 -4.87 16.11 -11.18
C GLN A 34 -5.32 15.40 -9.92
N LYS A 35 -5.21 16.07 -8.76
CA LYS A 35 -5.62 15.53 -7.45
C LYS A 35 -7.15 15.35 -7.40
N PRO A 36 -7.72 14.51 -6.48
CA PRO A 36 -9.19 14.37 -6.46
C PRO A 36 -9.88 15.62 -5.95
N MSE A 37 -11.16 15.75 -6.27
CA MSE A 37 -11.99 16.86 -5.84
C MSE A 37 -12.16 16.81 -4.31
O MSE A 37 -12.20 15.69 -3.75
CB MSE A 37 -13.35 16.80 -6.55
CG MSE A 37 -13.26 17.09 -8.05
SE MSE A 37 -13.02 19.00 -8.37
CE MSE A 37 -14.76 19.61 -7.81
N PRO A 38 -12.18 17.96 -3.59
CA PRO A 38 -12.40 17.92 -2.14
C PRO A 38 -13.73 17.23 -1.79
N GLN A 39 -13.74 16.48 -0.70
CA GLN A 39 -14.89 15.72 -0.20
C GLN A 39 -15.00 16.04 1.29
N GLY A 40 -16.21 16.01 1.84
CA GLY A 40 -16.46 16.32 3.25
C GLY A 40 -15.57 15.56 4.22
N LYS A 41 -15.57 14.21 4.15
CA LYS A 41 -14.81 13.34 5.07
C LYS A 41 -13.34 13.67 5.00
N HIS A 42 -12.81 13.77 3.77
CA HIS A 42 -11.42 14.10 3.51
C HIS A 42 -11.01 15.44 4.18
N SER A 43 -11.83 16.50 3.97
CA SER A 43 -11.59 17.83 4.52
C SER A 43 -11.62 17.84 6.03
N ALA A 44 -12.55 17.08 6.64
CA ALA A 44 -12.70 17.04 8.09
C ALA A 44 -11.42 16.50 8.76
N ILE A 45 -10.89 15.38 8.25
CA ILE A 45 -9.66 14.77 8.76
C ILE A 45 -8.46 15.65 8.43
N GLN A 46 -8.39 16.18 7.20
CA GLN A 46 -7.27 17.01 6.76
C GLN A 46 -7.11 18.28 7.63
N SER A 47 -8.21 19.07 7.83
CA SER A 47 -8.14 20.32 8.59
CA SER A 47 -8.15 20.32 8.60
C SER A 47 -7.80 20.06 10.06
N GLU A 48 -8.41 19.05 10.67
CA GLU A 48 -8.16 18.73 12.07
C GLU A 48 -6.75 18.17 12.29
N CYS A 49 -6.27 17.40 11.33
CA CYS A 49 -4.95 16.80 11.40
C CYS A 49 -3.85 17.87 11.39
N VAL A 50 -3.97 18.91 10.51
CA VAL A 50 -2.99 20.01 10.43
C VAL A 50 -3.01 20.80 11.75
N SER A 51 -4.22 21.04 12.30
CA SER A 51 -4.45 21.79 13.52
C SER A 51 -3.79 21.09 14.73
N VAL A 52 -4.04 19.78 14.86
CA VAL A 52 -3.51 18.99 15.97
C VAL A 52 -1.95 18.90 15.89
N ILE A 53 -1.39 18.61 14.71
CA ILE A 53 0.08 18.57 14.57
C ILE A 53 0.70 19.93 14.92
N ASN A 54 0.18 21.03 14.36
CA ASN A 54 0.73 22.36 14.60
C ASN A 54 0.61 22.78 16.07
N SER A 55 -0.48 22.36 16.76
CA SER A 55 -0.64 22.69 18.20
C SER A 55 0.53 22.08 19.01
N VAL A 56 1.08 20.96 18.54
CA VAL A 56 2.20 20.23 19.15
C VAL A 56 3.57 20.77 18.68
N VAL A 57 3.77 21.02 17.39
CA VAL A 57 5.11 21.40 16.90
C VAL A 57 5.36 22.89 16.63
N LYS A 58 4.33 23.71 16.36
CA LYS A 58 4.54 25.11 16.00
C LYS A 58 4.91 26.01 17.20
N PRO A 59 4.30 25.94 18.42
CA PRO A 59 4.67 26.90 19.49
C PRO A 59 6.18 26.99 19.81
N GLN A 60 6.90 25.86 19.91
CA GLN A 60 8.33 25.89 20.23
C GLN A 60 9.20 25.86 18.98
N ARG A 61 8.62 26.19 17.82
CA ARG A 61 9.30 26.23 16.52
C ARG A 61 10.06 24.93 16.24
N ILE A 62 9.42 23.79 16.50
CA ILE A 62 9.98 22.45 16.24
C ILE A 62 9.79 22.13 14.74
N ALA A 63 8.56 22.30 14.26
CA ALA A 63 8.19 22.01 12.87
C ALA A 63 6.94 22.76 12.51
N ARG A 64 6.52 22.66 11.25
CA ARG A 64 5.28 23.27 10.76
C ARG A 64 4.61 22.35 9.76
N ALA A 65 3.28 22.13 9.95
CA ALA A 65 2.43 21.35 9.06
C ALA A 65 1.73 22.30 8.09
N PHE A 66 1.78 21.99 6.80
CA PHE A 66 1.19 22.81 5.73
C PHE A 66 0.16 22.02 4.96
N LEU A 67 -0.95 22.67 4.64
CA LEU A 67 -2.02 22.13 3.82
C LEU A 67 -1.71 22.32 2.38
N GLU A 68 -1.84 21.25 1.57
CA GLU A 68 -1.75 21.35 0.11
C GLU A 68 -0.54 22.17 -0.40
N LEU A 69 0.67 21.88 0.12
CA LEU A 69 1.88 22.57 -0.29
C LEU A 69 2.59 21.77 -1.39
N ARG A 70 3.02 22.43 -2.48
CA ARG A 70 3.74 21.76 -3.55
C ARG A 70 5.18 21.46 -3.14
N CYS A 71 5.61 20.21 -3.32
CA CYS A 71 6.96 19.74 -3.05
C CYS A 71 7.52 19.17 -4.33
N THR A 72 8.59 19.80 -4.86
CA THR A 72 9.22 19.40 -6.12
C THR A 72 10.61 18.86 -5.85
N PHE A 73 10.82 17.56 -6.12
CA PHE A 73 12.11 16.89 -5.88
C PHE A 73 12.14 15.56 -6.62
N GLY A 74 13.34 15.06 -6.88
CA GLY A 74 13.58 13.78 -7.55
C GLY A 74 12.83 13.59 -8.86
N ASP A 75 12.74 14.67 -9.68
CA ASP A 75 12.08 14.74 -11.00
C ASP A 75 10.53 14.65 -10.89
N HIS A 76 9.97 14.84 -9.68
CA HIS A 76 8.52 14.84 -9.45
C HIS A 76 8.09 16.14 -8.83
N SER A 77 6.82 16.53 -9.03
CA SER A 77 6.25 17.71 -8.40
C SER A 77 4.89 17.32 -7.83
N THR A 78 4.82 17.14 -6.50
CA THR A 78 3.63 16.64 -5.83
C THR A 78 3.05 17.62 -4.83
N VAL A 79 1.80 17.37 -4.44
CA VAL A 79 1.06 18.19 -3.49
C VAL A 79 0.47 17.26 -2.43
N PRO A 80 1.27 16.83 -1.42
CA PRO A 80 0.71 15.97 -0.37
C PRO A 80 -0.45 16.68 0.32
N ASP A 81 -1.45 15.92 0.81
CA ASP A 81 -2.57 16.53 1.53
C ASP A 81 -2.01 17.40 2.69
N ILE A 82 -1.02 16.86 3.44
CA ILE A 82 -0.33 17.55 4.54
C ILE A 82 1.15 17.25 4.44
N SER A 83 1.98 18.29 4.49
CA SER A 83 3.44 18.21 4.51
C SER A 83 3.93 18.81 5.80
N VAL A 84 4.79 18.09 6.52
CA VAL A 84 5.34 18.58 7.79
C VAL A 84 6.86 18.70 7.63
N PHE A 85 7.39 19.90 7.92
CA PHE A 85 8.83 20.16 7.82
C PHE A 85 9.38 20.62 9.14
N ILE A 86 10.54 20.07 9.56
CA ILE A 86 11.22 20.50 10.78
C ILE A 86 11.70 21.95 10.49
N TRP A 87 11.87 22.77 11.55
CA TRP A 87 12.15 24.19 11.39
C TRP A 87 13.37 24.47 10.54
N SER A 88 14.50 23.75 10.76
CA SER A 88 15.76 23.95 10.03
C SER A 88 15.64 23.67 8.51
N ARG A 89 14.63 22.90 8.10
CA ARG A 89 14.43 22.53 6.68
C ARG A 89 13.39 23.40 5.97
N ILE A 90 12.71 24.33 6.67
CA ILE A 90 11.72 25.20 6.02
C ILE A 90 12.49 26.25 5.17
N PRO A 91 12.38 26.24 3.81
CA PRO A 91 13.10 27.26 3.01
C PRO A 91 12.57 28.66 3.30
N ARG A 92 13.47 29.60 3.54
CA ARG A 92 13.12 30.98 3.89
C ARG A 92 13.83 31.97 3.01
N GLU A 93 13.17 33.11 2.77
CA GLU A 93 13.72 34.24 2.03
C GLU A 93 14.69 34.96 2.98
N GLU A 94 15.51 35.90 2.45
CA GLU A 94 16.48 36.65 3.24
C GLU A 94 15.81 37.39 4.41
N ASN A 95 14.57 37.88 4.23
CA ASN A 95 13.83 38.60 5.28
C ASN A 95 13.32 37.65 6.39
N GLY A 96 13.45 36.35 6.17
CA GLY A 96 13.05 35.33 7.13
C GLY A 96 11.68 34.73 6.93
N GLU A 97 10.88 35.23 5.98
CA GLU A 97 9.57 34.64 5.77
C GLU A 97 9.72 33.36 4.94
N ILE A 98 8.73 32.47 5.04
CA ILE A 98 8.76 31.20 4.32
C ILE A 98 8.71 31.48 2.81
N ALA A 99 9.56 30.76 2.05
CA ALA A 99 9.68 30.81 0.61
C ALA A 99 8.40 30.31 -0.07
N ASN A 100 8.16 30.74 -1.32
CA ASN A 100 6.98 30.27 -2.06
C ASN A 100 7.21 28.86 -2.66
N ILE A 101 8.47 28.49 -2.91
CA ILE A 101 8.84 27.24 -3.58
C ILE A 101 9.59 26.32 -2.61
N PHE A 102 9.21 25.03 -2.62
CA PHE A 102 9.83 24.00 -1.79
C PHE A 102 10.41 22.96 -2.72
N LEU A 103 11.74 22.88 -2.77
CA LEU A 103 12.43 21.95 -3.66
C LEU A 103 12.97 20.72 -2.92
N ILE A 104 12.31 20.37 -1.81
CA ILE A 104 12.74 19.28 -0.93
C ILE A 104 11.55 18.43 -0.48
N ALA A 105 11.82 17.21 -0.02
CA ALA A 105 10.83 16.28 0.47
C ALA A 105 10.38 16.68 1.90
N PRO A 106 9.09 16.50 2.28
CA PRO A 106 8.70 16.82 3.68
C PRO A 106 9.39 15.89 4.67
N ASP A 107 9.47 16.28 5.95
CA ASP A 107 9.99 15.37 6.96
C ASP A 107 8.94 14.30 7.26
N TRP A 108 7.68 14.69 7.13
CA TRP A 108 6.54 13.83 7.40
C TRP A 108 5.43 14.15 6.39
N THR A 109 5.04 13.15 5.59
CA THR A 109 3.99 13.33 4.59
C THR A 109 2.73 12.60 5.05
N ILE A 110 1.57 13.25 4.94
CA ILE A 110 0.31 12.63 5.31
C ILE A 110 -0.64 12.71 4.13
N GLU A 111 -1.14 11.54 3.68
CA GLU A 111 -2.08 11.42 2.59
C GLU A 111 -3.35 10.83 3.11
N ILE A 112 -4.47 11.40 2.73
CA ILE A 112 -5.76 10.91 3.18
C ILE A 112 -6.56 10.49 1.97
N LEU A 113 -7.00 9.22 1.93
CA LEU A 113 -7.81 8.73 0.82
C LEU A 113 -9.17 9.35 0.80
N SER A 114 -9.70 9.48 -0.41
CA SER A 114 -11.05 9.98 -0.69
C SER A 114 -11.58 9.10 -1.84
N PRO A 115 -12.91 8.96 -2.05
CA PRO A 115 -13.39 8.01 -3.08
C PRO A 115 -12.71 8.06 -4.47
N ASP A 116 -12.36 9.25 -5.00
CA ASP A 116 -11.80 9.34 -6.35
C ASP A 116 -10.26 9.27 -6.39
N GLN A 117 -9.61 9.14 -5.23
CA GLN A 117 -8.16 9.08 -5.14
C GLN A 117 -7.63 7.71 -5.58
N SER A 118 -6.47 7.71 -6.24
CA SER A 118 -5.80 6.45 -6.61
C SER A 118 -4.88 6.08 -5.45
N GLN A 119 -5.22 5.00 -4.70
CA GLN A 119 -4.40 4.51 -3.59
C GLN A 119 -3.01 4.06 -4.11
N THR A 120 -2.93 3.51 -5.34
CA THR A 120 -1.65 3.10 -5.93
C THR A 120 -0.78 4.34 -6.12
N LYS A 121 -1.32 5.42 -6.73
CA LYS A 121 -0.58 6.66 -6.96
C LYS A 121 -0.07 7.25 -5.63
N VAL A 122 -0.92 7.28 -4.60
CA VAL A 122 -0.59 7.80 -3.27
C VAL A 122 0.55 7.01 -2.65
N THR A 123 0.50 5.67 -2.74
CA THR A 123 1.55 4.79 -2.18
C THR A 123 2.87 5.08 -2.90
N LYS A 124 2.84 5.19 -4.24
CA LYS A 124 4.05 5.55 -5.01
C LYS A 124 4.60 6.91 -4.55
N ASN A 125 3.72 7.90 -4.34
CA ASN A 125 4.14 9.24 -3.90
C ASN A 125 4.80 9.18 -2.52
N ILE A 126 4.25 8.40 -1.60
CA ILE A 126 4.82 8.25 -0.25
C ILE A 126 6.17 7.56 -0.39
N LEU A 127 6.27 6.50 -1.20
CA LEU A 127 7.54 5.80 -1.33
C LEU A 127 8.61 6.68 -1.99
N HIS A 128 8.20 7.57 -2.92
CA HIS A 128 9.12 8.53 -3.59
C HIS A 128 9.64 9.54 -2.54
N CYS A 129 8.77 9.99 -1.60
CA CYS A 129 9.18 10.88 -0.49
C CYS A 129 10.29 10.23 0.34
N LEU A 130 10.09 8.97 0.74
N LEU A 130 10.09 8.97 0.73
CA LEU A 130 11.05 8.21 1.55
CA LEU A 130 11.03 8.19 1.54
C LEU A 130 12.39 8.06 0.83
C LEU A 130 12.37 8.00 0.83
N LYS A 131 12.36 7.95 -0.50
CA LYS A 131 13.57 7.82 -1.34
CA LYS A 131 13.61 7.81 -1.27
C LYS A 131 14.38 9.13 -1.32
N HIS A 132 13.73 10.27 -0.99
CA HIS A 132 14.40 11.56 -1.01
C HIS A 132 14.51 12.24 0.36
N GLY A 133 14.48 11.43 1.41
CA GLY A 133 14.71 11.91 2.78
C GLY A 133 13.58 12.02 3.75
N THR A 134 12.32 11.75 3.33
CA THR A 134 11.20 11.86 4.27
C THR A 134 11.39 10.85 5.41
N GLN A 135 11.14 11.29 6.66
CA GLN A 135 11.28 10.43 7.82
C GLN A 135 10.12 9.49 7.94
N MSE A 136 8.90 9.96 7.65
CA MSE A 136 7.71 9.13 7.82
C MSE A 136 6.62 9.52 6.85
O MSE A 136 6.41 10.69 6.55
CB MSE A 136 7.16 9.24 9.26
CG MSE A 136 5.95 8.32 9.52
SE MSE A 136 5.33 8.40 11.35
CE MSE A 136 6.70 7.30 12.19
N GLY A 137 5.88 8.50 6.41
CA GLY A 137 4.68 8.67 5.61
C GLY A 137 3.50 8.07 6.34
N TRP A 138 2.35 8.76 6.30
CA TRP A 138 1.08 8.26 6.78
C TRP A 138 0.11 8.15 5.63
N LEU A 139 -0.53 6.99 5.48
CA LEU A 139 -1.59 6.81 4.50
CA LEU A 139 -1.59 6.77 4.50
C LEU A 139 -2.85 6.52 5.33
N ILE A 140 -3.72 7.51 5.43
CA ILE A 140 -4.97 7.43 6.21
C ILE A 140 -6.09 6.98 5.29
N ASP A 141 -6.79 5.91 5.69
CA ASP A 141 -7.93 5.38 4.94
C ASP A 141 -9.19 5.59 5.80
N PRO A 142 -9.95 6.70 5.60
CA PRO A 142 -11.13 6.95 6.46
C PRO A 142 -12.14 5.82 6.44
N ASP A 143 -12.45 5.26 5.25
CA ASP A 143 -13.43 4.18 5.13
C ASP A 143 -13.06 2.95 5.93
N GLU A 144 -11.78 2.58 5.94
CA GLU A 144 -11.34 1.40 6.68
C GLU A 144 -10.85 1.75 8.07
N GLN A 145 -10.89 3.05 8.45
CA GLN A 145 -10.40 3.56 9.76
C GLN A 145 -9.02 2.94 10.06
N THR A 146 -8.14 3.06 9.07
CA THR A 146 -6.83 2.47 9.10
C THR A 146 -5.79 3.51 8.75
N VAL A 147 -4.61 3.39 9.36
CA VAL A 147 -3.46 4.20 9.00
C VAL A 147 -2.31 3.25 8.66
N PHE A 148 -1.72 3.43 7.46
CA PHE A 148 -0.49 2.73 7.09
C PHE A 148 0.64 3.68 7.40
N VAL A 149 1.65 3.19 8.10
CA VAL A 149 2.84 3.96 8.48
C VAL A 149 4.03 3.47 7.67
N TYR A 150 4.69 4.40 6.97
CA TYR A 150 5.84 4.16 6.12
C TYR A 150 7.11 4.83 6.69
N ARG A 151 8.18 4.04 6.90
CA ARG A 151 9.48 4.50 7.37
CA ARG A 151 9.48 4.51 7.37
C ARG A 151 10.55 4.02 6.40
N PRO A 152 11.65 4.77 6.18
CA PRO A 152 12.65 4.29 5.21
C PRO A 152 13.21 2.92 5.56
N GLN A 153 13.28 2.04 4.54
CA GLN A 153 13.83 0.69 4.61
C GLN A 153 13.11 -0.20 5.64
N GLN A 154 11.85 0.10 5.95
CA GLN A 154 11.08 -0.72 6.89
C GLN A 154 9.80 -1.16 6.24
N GLU A 155 9.34 -2.38 6.56
CA GLU A 155 8.06 -2.92 6.10
C GLU A 155 6.94 -1.97 6.51
N THR A 156 5.90 -1.82 5.67
CA THR A 156 4.75 -0.96 5.98
C THR A 156 4.12 -1.47 7.28
N GLU A 157 3.72 -0.54 8.17
CA GLU A 157 3.06 -0.92 9.45
C GLU A 157 1.61 -0.54 9.40
N VAL A 158 0.74 -1.35 9.99
CA VAL A 158 -0.72 -1.17 9.96
C VAL A 158 -1.23 -0.82 11.35
N PHE A 159 -2.08 0.21 11.44
CA PHE A 159 -2.73 0.62 12.69
C PHE A 159 -4.23 0.70 12.44
N ASP A 160 -5.02 -0.11 13.16
CA ASP A 160 -6.47 -0.09 12.99
C ASP A 160 -7.25 -0.44 14.27
N GLU A 161 -6.57 -0.72 15.39
CA GLU A 161 -7.24 -0.99 16.67
C GLU A 161 -7.64 0.35 17.26
N PRO A 162 -8.89 0.54 17.72
CA PRO A 162 -9.30 1.87 18.20
C PRO A 162 -8.40 2.50 19.25
N ASP A 163 -7.89 1.72 20.21
CA ASP A 163 -7.04 2.27 21.27
C ASP A 163 -5.56 2.40 20.88
N ALA A 164 -5.16 1.90 19.71
CA ALA A 164 -3.76 1.97 19.30
C ALA A 164 -3.33 3.39 18.96
N LEU A 165 -2.14 3.79 19.43
CA LEU A 165 -1.57 5.09 19.10
C LEU A 165 -0.86 4.98 17.78
N VAL A 166 -1.04 5.98 16.92
CA VAL A 166 -0.40 5.96 15.61
C VAL A 166 1.01 6.52 15.79
N PRO A 167 2.08 5.83 15.36
CA PRO A 167 3.43 6.40 15.51
C PRO A 167 3.60 7.74 14.80
N VAL A 168 4.43 8.56 15.39
CA VAL A 168 4.74 9.89 14.86
C VAL A 168 6.25 10.03 14.76
N PRO A 169 6.80 10.92 13.91
CA PRO A 169 8.28 11.11 13.92
C PRO A 169 8.72 11.62 15.28
N SER A 170 9.97 11.36 15.66
CA SER A 170 10.44 11.73 17.01
C SER A 170 10.32 13.26 17.29
N PHE A 171 10.42 14.13 16.26
CA PHE A 171 10.26 15.57 16.54
C PHE A 171 8.82 15.88 17.01
N ALA A 172 7.82 15.02 16.65
CA ALA A 172 6.44 15.21 17.04
C ALA A 172 5.99 14.22 18.15
N SER A 173 6.95 13.61 18.87
CA SER A 173 6.69 12.57 19.89
C SER A 173 5.71 12.98 21.00
N GLU A 174 5.47 14.29 21.23
CA GLU A 174 4.48 14.74 22.23
C GLU A 174 3.04 14.50 21.73
N LEU A 175 2.85 14.26 20.42
CA LEU A 175 1.53 13.97 19.87
C LEU A 175 1.16 12.51 20.13
N HIS A 176 0.10 12.28 20.91
CA HIS A 176 -0.38 10.93 21.20
C HIS A 176 -1.76 10.80 20.59
N LEU A 177 -1.80 10.30 19.36
CA LEU A 177 -3.05 10.21 18.61
C LEU A 177 -3.48 8.77 18.41
N SER A 178 -4.62 8.41 19.00
CA SER A 178 -5.16 7.06 18.83
C SER A 178 -5.95 6.98 17.53
N ILE A 179 -6.20 5.76 17.04
CA ILE A 179 -7.03 5.50 15.86
C ILE A 179 -8.45 6.07 16.12
N LYS A 180 -9.00 5.79 17.31
CA LYS A 180 -10.34 6.23 17.71
C LYS A 180 -10.43 7.78 17.68
N ASP A 181 -9.38 8.49 18.14
CA ASP A 181 -9.34 9.95 18.14
C ASP A 181 -9.31 10.49 16.72
N LEU A 182 -8.47 9.89 15.85
CA LEU A 182 -8.34 10.33 14.48
C LEU A 182 -9.68 10.25 13.74
N PHE A 183 -10.33 9.08 13.75
CA PHE A 183 -11.55 8.89 12.97
C PHE A 183 -12.80 9.49 13.68
N SER A 184 -12.67 9.96 14.93
CA SER A 184 -13.75 10.68 15.61
C SER A 184 -13.93 12.08 14.96
N TRP A 185 -12.90 12.53 14.20
CA TRP A 185 -12.94 13.82 13.51
C TRP A 185 -13.97 13.81 12.37
N LEU A 186 -14.55 12.62 12.07
CA LEU A 186 -15.61 12.42 11.09
C LEU A 186 -16.98 12.68 11.68
N LEU A 187 -17.07 12.68 13.03
CA LEU A 187 -18.32 12.85 13.79
C LEU A 187 -18.72 14.31 13.89
N PRO B 9 -19.47 -10.90 15.66
CA PRO B 9 -19.25 -11.68 16.89
C PRO B 9 -19.05 -13.17 16.57
N ILE B 10 -17.86 -13.53 16.05
CA ILE B 10 -17.55 -14.91 15.63
C ILE B 10 -16.04 -15.22 15.79
N THR B 11 -15.72 -16.48 16.17
CA THR B 11 -14.33 -16.96 16.31
C THR B 11 -13.90 -17.61 15.00
N LEU B 12 -12.59 -17.87 14.86
CA LEU B 12 -12.07 -18.53 13.66
C LEU B 12 -12.62 -19.97 13.56
N ASP B 13 -12.61 -20.73 14.69
CA ASP B 13 -13.12 -22.12 14.76
C ASP B 13 -14.58 -22.20 14.31
N GLU B 14 -15.40 -21.22 14.74
CA GLU B 14 -16.81 -21.10 14.37
C GLU B 14 -16.92 -20.76 12.88
N PHE B 15 -16.11 -19.79 12.39
CA PHE B 15 -16.11 -19.37 10.98
C PHE B 15 -15.83 -20.55 10.03
N LEU B 16 -14.86 -21.40 10.39
CA LEU B 16 -14.44 -22.52 9.56
C LEU B 16 -15.50 -23.64 9.46
N LYS B 17 -16.51 -23.62 10.34
CA LYS B 17 -17.61 -24.60 10.28
C LYS B 17 -18.69 -24.12 9.29
N LEU B 18 -18.67 -22.83 8.92
CA LEU B 18 -19.65 -22.20 8.03
C LEU B 18 -19.48 -22.66 6.56
N PRO B 19 -20.56 -22.59 5.71
CA PRO B 19 -20.42 -23.03 4.31
C PRO B 19 -19.66 -22.01 3.43
N GLU B 20 -19.05 -22.49 2.33
CA GLU B 20 -18.33 -21.61 1.38
C GLU B 20 -19.34 -20.72 0.62
N THR B 21 -18.91 -19.51 0.20
CA THR B 21 -19.74 -18.54 -0.53
C THR B 21 -19.12 -18.22 -1.89
N GLU B 22 -19.89 -17.58 -2.80
CA GLU B 22 -19.38 -17.16 -4.11
C GLU B 22 -19.72 -15.68 -4.31
N PRO B 23 -18.73 -14.77 -4.22
CA PRO B 23 -17.28 -14.99 -4.01
C PRO B 23 -16.95 -15.49 -2.61
N ALA B 24 -15.76 -16.11 -2.41
CA ALA B 24 -15.34 -16.68 -1.12
C ALA B 24 -15.27 -15.62 -0.01
N SER B 25 -15.46 -16.08 1.23
CA SER B 25 -15.41 -15.24 2.41
C SER B 25 -14.11 -15.42 3.15
N GLU B 26 -13.56 -14.30 3.61
CA GLU B 26 -12.34 -14.29 4.39
C GLU B 26 -12.68 -13.90 5.81
N TYR B 27 -11.89 -14.38 6.77
CA TYR B 27 -12.01 -14.07 8.18
C TYR B 27 -10.76 -13.29 8.56
N ILE B 28 -10.90 -11.96 8.67
CA ILE B 28 -9.79 -11.03 8.92
C ILE B 28 -10.11 -10.18 10.12
N GLU B 29 -9.22 -10.22 11.13
CA GLU B 29 -9.31 -9.42 12.36
C GLU B 29 -10.68 -9.60 13.04
N GLY B 30 -11.21 -10.83 13.01
CA GLY B 30 -12.48 -11.20 13.61
C GLY B 30 -13.71 -10.86 12.77
N LYS B 31 -13.52 -10.30 11.57
CA LYS B 31 -14.62 -9.90 10.68
C LYS B 31 -14.71 -10.80 9.47
N ILE B 32 -15.94 -11.02 8.98
CA ILE B 32 -16.17 -11.82 7.78
C ILE B 32 -16.30 -10.84 6.62
N ILE B 33 -15.39 -10.93 5.64
CA ILE B 33 -15.38 -10.06 4.47
C ILE B 33 -15.38 -10.92 3.23
N GLN B 34 -16.39 -10.72 2.39
CA GLN B 34 -16.55 -11.44 1.14
C GLN B 34 -15.65 -10.83 0.10
N LYS B 35 -14.99 -11.69 -0.71
CA LYS B 35 -14.08 -11.27 -1.81
C LYS B 35 -14.90 -10.54 -2.92
N PRO B 36 -14.27 -9.74 -3.80
CA PRO B 36 -15.09 -9.06 -4.84
C PRO B 36 -15.59 -10.03 -5.92
N MSE B 37 -16.61 -9.58 -6.67
CA MSE B 37 -17.20 -10.36 -7.75
C MSE B 37 -16.18 -10.55 -8.89
O MSE B 37 -15.39 -9.62 -9.12
CB MSE B 37 -18.48 -9.68 -8.26
CG MSE B 37 -19.62 -9.70 -7.24
SE MSE B 37 -20.48 -11.43 -7.10
CE MSE B 37 -21.32 -11.39 -8.83
N PRO B 38 -16.11 -11.74 -9.56
CA PRO B 38 -15.12 -11.93 -10.65
C PRO B 38 -15.31 -10.91 -11.77
N GLN B 39 -14.22 -10.54 -12.43
CA GLN B 39 -14.22 -9.56 -13.50
C GLN B 39 -13.30 -10.10 -14.60
N GLY B 40 -13.58 -9.74 -15.85
CA GLY B 40 -12.80 -10.19 -17.00
C GLY B 40 -11.31 -9.97 -16.90
N LYS B 41 -10.90 -8.70 -16.67
CA LYS B 41 -9.49 -8.30 -16.58
C LYS B 41 -8.78 -9.10 -15.48
N HIS B 42 -9.42 -9.17 -14.30
CA HIS B 42 -8.91 -9.89 -13.13
C HIS B 42 -8.64 -11.37 -13.50
N SER B 43 -9.64 -12.05 -14.10
CA SER B 43 -9.54 -13.45 -14.50
C SER B 43 -8.44 -13.69 -15.52
N ALA B 44 -8.28 -12.79 -16.51
CA ALA B 44 -7.25 -12.92 -17.56
C ALA B 44 -5.85 -12.96 -16.96
N ILE B 45 -5.53 -12.01 -16.03
CA ILE B 45 -4.23 -11.94 -15.36
C ILE B 45 -4.07 -13.12 -14.42
N GLN B 46 -5.12 -13.42 -13.63
CA GLN B 46 -5.07 -14.52 -12.66
C GLN B 46 -4.78 -15.89 -13.30
N SER B 47 -5.52 -16.27 -14.35
CA SER B 47 -5.37 -17.55 -15.04
C SER B 47 -3.98 -17.70 -15.70
N GLU B 48 -3.55 -16.65 -16.41
CA GLU B 48 -2.24 -16.64 -17.08
C GLU B 48 -1.08 -16.64 -16.08
N CYS B 49 -1.24 -15.95 -14.96
CA CYS B 49 -0.23 -15.86 -13.92
C CYS B 49 0.04 -17.22 -13.29
N VAL B 50 -1.02 -18.00 -12.96
CA VAL B 50 -0.89 -19.35 -12.36
C VAL B 50 -0.20 -20.28 -13.36
N SER B 51 -0.57 -20.17 -14.64
CA SER B 51 -0.05 -20.98 -15.74
C SER B 51 1.46 -20.74 -15.92
N VAL B 52 1.88 -19.46 -15.97
CA VAL B 52 3.27 -19.06 -16.17
C VAL B 52 4.12 -19.51 -14.95
N ILE B 53 3.68 -19.25 -13.71
CA ILE B 53 4.41 -19.71 -12.52
C ILE B 53 4.59 -21.24 -12.51
N ASN B 54 3.49 -22.00 -12.73
CA ASN B 54 3.55 -23.46 -12.70
C ASN B 54 4.44 -24.02 -13.82
N SER B 55 4.46 -23.37 -15.01
CA SER B 55 5.34 -23.81 -16.09
C SER B 55 6.83 -23.77 -15.65
N VAL B 56 7.15 -22.84 -14.73
CA VAL B 56 8.50 -22.64 -14.19
C VAL B 56 8.75 -23.54 -12.96
N VAL B 57 7.81 -23.65 -12.01
CA VAL B 57 8.11 -24.40 -10.78
C VAL B 57 7.58 -25.86 -10.68
N LYS B 58 6.51 -26.22 -11.40
CA LYS B 58 5.92 -27.55 -11.27
C LYS B 58 6.75 -28.69 -11.94
N PRO B 59 7.34 -28.55 -13.18
CA PRO B 59 8.08 -29.69 -13.78
C PRO B 59 9.15 -30.35 -12.89
N GLN B 60 10.01 -29.57 -12.22
CA GLN B 60 11.08 -30.12 -11.38
C GLN B 60 10.65 -30.23 -9.90
N ARG B 61 9.32 -30.20 -9.63
CA ARG B 61 8.73 -30.30 -8.29
C ARG B 61 9.39 -29.31 -7.31
N ILE B 62 9.56 -28.05 -7.76
CA ILE B 62 10.12 -26.97 -6.95
C ILE B 62 9.01 -26.42 -6.04
N ALA B 63 7.87 -26.09 -6.66
CA ALA B 63 6.72 -25.51 -5.98
C ALA B 63 5.47 -25.72 -6.80
N ARG B 64 4.32 -25.28 -6.26
CA ARG B 64 3.03 -25.35 -6.95
C ARG B 64 2.21 -24.10 -6.64
N ALA B 65 1.68 -23.46 -7.71
CA ALA B 65 0.78 -22.31 -7.63
C ALA B 65 -0.67 -22.80 -7.67
N PHE B 66 -1.49 -22.33 -6.73
CA PHE B 66 -2.90 -22.69 -6.59
C PHE B 66 -3.79 -21.48 -6.75
N LEU B 67 -4.90 -21.64 -7.46
CA LEU B 67 -5.92 -20.62 -7.63
C LEU B 67 -6.91 -20.66 -6.50
N GLU B 68 -7.21 -19.50 -5.89
CA GLU B 68 -8.27 -19.38 -4.88
C GLU B 68 -8.21 -20.48 -3.78
N LEU B 69 -7.04 -20.72 -3.19
CA LEU B 69 -6.87 -21.71 -2.13
C LEU B 69 -7.01 -21.03 -0.75
N ARG B 70 -7.77 -21.62 0.16
CA ARG B 70 -7.93 -21.08 1.50
C ARG B 70 -6.70 -21.41 2.35
N CYS B 71 -6.16 -20.36 3.00
CA CYS B 71 -5.01 -20.45 3.90
C CYS B 71 -5.43 -19.91 5.24
N THR B 72 -5.41 -20.79 6.27
CA THR B 72 -5.83 -20.43 7.61
C THR B 72 -4.64 -20.46 8.57
N PHE B 73 -4.24 -19.29 9.11
CA PHE B 73 -3.11 -19.16 10.01
C PHE B 73 -3.15 -17.83 10.73
N GLY B 74 -2.47 -17.73 11.87
CA GLY B 74 -2.38 -16.54 12.70
C GLY B 74 -3.71 -15.89 13.04
N ASP B 75 -4.74 -16.74 13.32
CA ASP B 75 -6.13 -16.38 13.68
C ASP B 75 -6.92 -15.77 12.48
N HIS B 76 -6.42 -15.95 11.24
CA HIS B 76 -7.09 -15.46 10.03
C HIS B 76 -7.34 -16.59 9.09
N SER B 77 -8.35 -16.47 8.22
CA SER B 77 -8.64 -17.46 7.17
C SER B 77 -8.88 -16.70 5.88
N THR B 78 -7.89 -16.74 4.98
CA THR B 78 -7.92 -15.95 3.74
C THR B 78 -7.85 -16.82 2.50
N VAL B 79 -8.22 -16.22 1.37
CA VAL B 79 -8.22 -16.86 0.06
C VAL B 79 -7.45 -15.96 -0.92
N PRO B 80 -6.09 -16.02 -0.93
CA PRO B 80 -5.34 -15.20 -1.90
C PRO B 80 -5.73 -15.56 -3.31
N ASP B 81 -5.70 -14.57 -4.25
CA ASP B 81 -6.03 -14.87 -5.65
C ASP B 81 -5.14 -16.04 -6.16
N ILE B 82 -3.83 -16.02 -5.81
CA ILE B 82 -2.85 -17.09 -6.13
C ILE B 82 -1.96 -17.30 -4.93
N SER B 83 -1.81 -18.55 -4.51
CA SER B 83 -0.93 -19.01 -3.42
C SER B 83 0.10 -19.95 -3.99
N VAL B 84 1.38 -19.69 -3.71
CA VAL B 84 2.46 -20.54 -4.21
C VAL B 84 3.18 -21.16 -3.01
N PHE B 85 3.29 -22.50 -2.99
CA PHE B 85 3.97 -23.23 -1.91
C PHE B 85 5.12 -24.04 -2.44
N ILE B 86 6.28 -24.02 -1.76
CA ILE B 86 7.44 -24.84 -2.13
C ILE B 86 7.04 -26.29 -1.82
N TRP B 87 7.61 -27.27 -2.55
CA TRP B 87 7.22 -28.68 -2.46
C TRP B 87 7.20 -29.23 -1.03
N SER B 88 8.26 -28.97 -0.24
CA SER B 88 8.40 -29.45 1.16
C SER B 88 7.32 -28.91 2.12
N ARG B 89 6.68 -27.78 1.76
CA ARG B 89 5.65 -27.15 2.59
C ARG B 89 4.22 -27.49 2.17
N ILE B 90 4.02 -28.23 1.05
CA ILE B 90 2.66 -28.59 0.63
C ILE B 90 2.14 -29.68 1.62
N PRO B 91 1.08 -29.40 2.44
CA PRO B 91 0.59 -30.42 3.39
C PRO B 91 0.02 -31.62 2.63
N ARG B 92 0.43 -32.82 3.04
CA ARG B 92 0.02 -34.06 2.40
C ARG B 92 -0.56 -35.04 3.39
N GLU B 93 -1.53 -35.84 2.91
CA GLU B 93 -2.16 -36.92 3.67
C GLU B 93 -1.18 -38.10 3.72
N GLU B 94 -1.46 -39.11 4.57
CA GLU B 94 -0.64 -40.32 4.75
C GLU B 94 -0.37 -41.03 3.39
N ASN B 95 -1.36 -41.03 2.48
CA ASN B 95 -1.24 -41.66 1.16
C ASN B 95 -0.36 -40.81 0.18
N GLY B 96 0.03 -39.60 0.59
CA GLY B 96 0.88 -38.71 -0.19
C GLY B 96 0.17 -37.67 -1.05
N GLU B 97 -1.18 -37.72 -1.13
CA GLU B 97 -1.93 -36.73 -1.92
C GLU B 97 -2.01 -35.42 -1.13
N ILE B 98 -2.18 -34.28 -1.83
CA ILE B 98 -2.28 -32.97 -1.18
C ILE B 98 -3.53 -32.95 -0.28
N ALA B 99 -3.35 -32.41 0.94
CA ALA B 99 -4.38 -32.23 1.96
C ALA B 99 -5.46 -31.24 1.51
N ASN B 100 -6.67 -31.35 2.07
CA ASN B 100 -7.77 -30.43 1.74
C ASN B 100 -7.63 -29.10 2.49
N ILE B 101 -6.96 -29.12 3.66
CA ILE B 101 -6.83 -27.96 4.53
C ILE B 101 -5.36 -27.51 4.59
N PHE B 102 -5.16 -26.19 4.47
CA PHE B 102 -3.84 -25.57 4.53
C PHE B 102 -3.83 -24.67 5.75
N LEU B 103 -3.07 -25.03 6.78
CA LEU B 103 -3.01 -24.28 8.03
C LEU B 103 -1.72 -23.46 8.13
N ILE B 104 -1.15 -23.10 6.97
CA ILE B 104 0.11 -22.37 6.87
C ILE B 104 0.04 -21.25 5.82
N ALA B 105 0.94 -20.29 5.92
CA ALA B 105 1.04 -19.17 4.99
C ALA B 105 1.69 -19.60 3.67
N PRO B 106 1.27 -19.05 2.49
CA PRO B 106 1.96 -19.42 1.24
C PRO B 106 3.40 -18.95 1.23
N ASP B 107 4.26 -19.54 0.39
CA ASP B 107 5.63 -19.03 0.26
C ASP B 107 5.61 -17.72 -0.54
N TRP B 108 4.65 -17.63 -1.45
CA TRP B 108 4.47 -16.48 -2.32
C TRP B 108 2.99 -16.23 -2.53
N THR B 109 2.52 -15.03 -2.14
CA THR B 109 1.11 -14.68 -2.31
C THR B 109 0.98 -13.63 -3.42
N ILE B 110 -0.01 -13.80 -4.30
CA ILE B 110 -0.25 -12.85 -5.38
C ILE B 110 -1.70 -12.41 -5.32
N GLU B 111 -1.91 -11.09 -5.21
CA GLU B 111 -3.22 -10.47 -5.17
C GLU B 111 -3.37 -9.56 -6.36
N ILE B 112 -4.51 -9.64 -7.02
CA ILE B 112 -4.76 -8.80 -8.19
C ILE B 112 -5.98 -7.96 -7.90
N LEU B 113 -5.85 -6.63 -8.02
CA LEU B 113 -6.95 -5.72 -7.81
C LEU B 113 -8.01 -5.83 -8.90
N SER B 114 -9.26 -5.60 -8.52
CA SER B 114 -10.43 -5.56 -9.39
C SER B 114 -11.30 -4.40 -8.88
N PRO B 115 -12.22 -3.81 -9.70
CA PRO B 115 -12.95 -2.60 -9.27
C PRO B 115 -13.51 -2.57 -7.84
N ASP B 116 -14.10 -3.67 -7.36
CA ASP B 116 -14.72 -3.59 -6.02
C ASP B 116 -13.82 -4.05 -4.87
N GLN B 117 -12.54 -4.38 -5.16
CA GLN B 117 -11.60 -4.86 -4.17
C GLN B 117 -11.11 -3.73 -3.28
N SER B 118 -10.94 -4.02 -1.98
CA SER B 118 -10.38 -3.05 -1.02
C SER B 118 -8.86 -3.21 -1.05
N GLN B 119 -8.14 -2.23 -1.61
CA GLN B 119 -6.68 -2.25 -1.68
C GLN B 119 -6.07 -2.23 -0.25
N THR B 120 -6.74 -1.58 0.71
CA THR B 120 -6.29 -1.54 2.11
C THR B 120 -6.37 -2.98 2.68
N LYS B 121 -7.51 -3.65 2.51
CA LYS B 121 -7.69 -5.04 3.00
C LYS B 121 -6.62 -5.97 2.41
N VAL B 122 -6.37 -5.87 1.09
CA VAL B 122 -5.39 -6.70 0.37
C VAL B 122 -3.99 -6.47 0.93
N THR B 123 -3.62 -5.21 1.18
CA THR B 123 -2.31 -4.86 1.73
C THR B 123 -2.17 -5.49 3.13
N LYS B 124 -3.21 -5.38 3.97
CA LYS B 124 -3.21 -5.99 5.31
C LYS B 124 -3.04 -7.51 5.19
N ASN B 125 -3.72 -8.15 4.24
CA ASN B 125 -3.64 -9.61 4.02
C ASN B 125 -2.23 -10.03 3.62
N ILE B 126 -1.58 -9.26 2.72
CA ILE B 126 -0.22 -9.54 2.30
C ILE B 126 0.70 -9.35 3.51
N LEU B 127 0.53 -8.27 4.28
CA LEU B 127 1.41 -8.05 5.43
C LEU B 127 1.23 -9.14 6.51
N HIS B 128 0.01 -9.69 6.64
CA HIS B 128 -0.28 -10.76 7.60
C HIS B 128 0.45 -12.04 7.15
N CYS B 129 0.47 -12.31 5.84
CA CYS B 129 1.21 -13.45 5.26
C CYS B 129 2.71 -13.36 5.63
N LEU B 130 3.33 -12.18 5.44
N LEU B 130 3.31 -12.18 5.45
CA LEU B 130 4.73 -11.94 5.73
CA LEU B 130 4.72 -11.91 5.72
C LEU B 130 5.05 -12.15 7.21
C LEU B 130 5.05 -12.09 7.20
N LYS B 131 4.09 -11.82 8.10
CA LYS B 131 4.24 -11.99 9.56
C LYS B 131 4.27 -13.50 9.92
N HIS B 132 3.72 -14.36 9.05
CA HIS B 132 3.66 -15.78 9.35
C HIS B 132 4.51 -16.67 8.40
N GLY B 133 5.55 -16.08 7.83
CA GLY B 133 6.52 -16.81 7.03
C GLY B 133 6.53 -16.68 5.52
N THR B 134 5.58 -15.95 4.92
CA THR B 134 5.56 -15.78 3.46
C THR B 134 6.86 -15.08 3.02
N GLN B 135 7.47 -15.59 1.94
CA GLN B 135 8.72 -15.03 1.43
C GLN B 135 8.46 -13.75 0.64
N MSE B 136 7.36 -13.73 -0.13
CA MSE B 136 7.08 -12.57 -0.97
C MSE B 136 5.60 -12.40 -1.22
O MSE B 136 4.88 -13.38 -1.38
CB MSE B 136 7.81 -12.69 -2.34
CG MSE B 136 7.60 -11.46 -3.25
SE MSE B 136 8.58 -11.55 -4.92
CE MSE B 136 10.34 -11.15 -4.26
N GLY B 137 5.20 -11.15 -1.33
CA GLY B 137 3.87 -10.78 -1.73
C GLY B 137 3.91 -9.90 -2.97
N TRP B 138 2.97 -10.13 -3.88
CA TRP B 138 2.76 -9.30 -5.08
C TRP B 138 1.39 -8.67 -5.02
N LEU B 139 1.32 -7.36 -5.24
CA LEU B 139 0.05 -6.65 -5.34
C LEU B 139 0.01 -6.08 -6.74
N ILE B 140 -0.77 -6.72 -7.62
CA ILE B 140 -0.89 -6.32 -9.02
C ILE B 140 -2.07 -5.37 -9.18
N ASP B 141 -1.83 -4.22 -9.79
CA ASP B 141 -2.85 -3.21 -10.06
C ASP B 141 -3.01 -3.11 -11.59
N PRO B 142 -3.98 -3.86 -12.19
CA PRO B 142 -4.12 -3.83 -13.67
C PRO B 142 -4.33 -2.43 -14.24
N ASP B 143 -5.21 -1.63 -13.61
CA ASP B 143 -5.51 -0.27 -14.06
C ASP B 143 -4.30 0.62 -14.12
N GLU B 144 -3.40 0.54 -13.12
CA GLU B 144 -2.21 1.37 -13.09
C GLU B 144 -0.99 0.65 -13.69
N GLN B 145 -1.17 -0.59 -14.17
CA GLN B 145 -0.09 -1.41 -14.74
C GLN B 145 1.14 -1.36 -13.82
N THR B 146 0.87 -1.61 -12.53
CA THR B 146 1.86 -1.53 -11.46
C THR B 146 1.85 -2.79 -10.64
N VAL B 147 3.03 -3.17 -10.15
CA VAL B 147 3.15 -4.27 -9.21
C VAL B 147 3.88 -3.76 -7.97
N PHE B 148 3.26 -3.93 -6.78
CA PHE B 148 3.94 -3.66 -5.51
C PHE B 148 4.51 -4.97 -5.02
N VAL B 149 5.79 -4.97 -4.64
CA VAL B 149 6.48 -6.16 -4.17
C VAL B 149 6.76 -6.01 -2.66
N TYR B 150 6.32 -7.00 -1.89
CA TYR B 150 6.43 -7.07 -0.44
C TYR B 150 7.36 -8.19 0.00
N ARG B 151 8.41 -7.86 0.78
CA ARG B 151 9.36 -8.82 1.36
CA ARG B 151 9.36 -8.82 1.36
C ARG B 151 9.44 -8.59 2.86
N PRO B 152 9.67 -9.64 3.69
CA PRO B 152 9.70 -9.40 5.15
C PRO B 152 10.74 -8.37 5.54
N GLN B 153 10.34 -7.44 6.43
CA GLN B 153 11.19 -6.38 7.00
C GLN B 153 11.80 -5.45 5.93
N GLN B 154 11.16 -5.34 4.77
CA GLN B 154 11.68 -4.46 3.72
C GLN B 154 10.60 -3.48 3.30
N GLU B 155 11.00 -2.24 2.97
CA GLU B 155 10.09 -1.21 2.42
C GLU B 155 9.40 -1.80 1.17
N THR B 156 8.13 -1.44 0.91
CA THR B 156 7.41 -1.91 -0.28
C THR B 156 8.17 -1.42 -1.52
N GLU B 157 8.27 -2.24 -2.55
CA GLU B 157 8.97 -1.86 -3.80
C GLU B 157 7.96 -1.69 -4.92
N VAL B 158 8.17 -0.72 -5.81
CA VAL B 158 7.26 -0.40 -6.92
C VAL B 158 7.88 -0.75 -8.25
N PHE B 159 7.10 -1.44 -9.11
CA PHE B 159 7.52 -1.81 -10.47
C PHE B 159 6.45 -1.33 -11.44
N ASP B 160 6.81 -0.42 -12.37
CA ASP B 160 5.85 0.06 -13.36
C ASP B 160 6.48 0.43 -14.71
N GLU B 161 7.81 0.28 -14.86
CA GLU B 161 8.50 0.54 -16.14
C GLU B 161 8.25 -0.66 -17.04
N PRO B 162 7.80 -0.46 -18.30
CA PRO B 162 7.43 -1.62 -19.13
C PRO B 162 8.52 -2.69 -19.26
N ASP B 163 9.78 -2.30 -19.39
CA ASP B 163 10.87 -3.29 -19.57
C ASP B 163 11.41 -3.85 -18.23
N ALA B 164 10.95 -3.34 -17.08
CA ALA B 164 11.43 -3.82 -15.80
C ALA B 164 10.92 -5.22 -15.49
N LEU B 165 11.80 -6.07 -14.96
CA LEU B 165 11.44 -7.40 -14.52
C LEU B 165 10.88 -7.33 -13.10
N VAL B 166 9.82 -8.04 -12.84
CA VAL B 166 9.23 -8.02 -11.50
C VAL B 166 9.99 -9.06 -10.67
N PRO B 167 10.52 -8.70 -9.48
CA PRO B 167 11.23 -9.72 -8.68
C PRO B 167 10.34 -10.90 -8.30
N VAL B 168 10.97 -12.05 -8.17
CA VAL B 168 10.31 -13.30 -7.82
C VAL B 168 11.07 -13.94 -6.65
N PRO B 169 10.44 -14.82 -5.83
CA PRO B 169 11.21 -15.52 -4.78
C PRO B 169 12.31 -16.37 -5.41
N SER B 170 13.39 -16.64 -4.68
CA SER B 170 14.53 -17.36 -5.25
C SER B 170 14.16 -18.75 -5.79
N PHE B 171 13.15 -19.45 -5.21
CA PHE B 171 12.76 -20.75 -5.77
C PHE B 171 12.17 -20.60 -7.19
N ALA B 172 11.64 -19.41 -7.53
CA ALA B 172 11.07 -19.15 -8.85
C ALA B 172 11.98 -18.25 -9.72
N SER B 173 13.28 -18.14 -9.38
CA SER B 173 14.26 -17.24 -10.05
C SER B 173 14.37 -17.47 -11.59
N GLU B 174 13.94 -18.62 -12.12
CA GLU B 174 13.95 -18.86 -13.56
C GLU B 174 12.85 -18.07 -14.28
N LEU B 175 11.86 -17.55 -13.52
CA LEU B 175 10.79 -16.74 -14.10
C LEU B 175 11.28 -15.30 -14.32
N HIS B 176 11.31 -14.88 -15.58
CA HIS B 176 11.69 -13.52 -15.94
C HIS B 176 10.46 -12.84 -16.54
N LEU B 177 9.68 -12.18 -15.70
CA LEU B 177 8.44 -11.55 -16.11
C LEU B 177 8.53 -10.04 -16.07
N SER B 178 8.44 -9.40 -17.25
CA SER B 178 8.48 -7.95 -17.32
C SER B 178 7.09 -7.39 -17.05
N ILE B 179 7.01 -6.10 -16.72
CA ILE B 179 5.76 -5.37 -16.51
C ILE B 179 4.94 -5.45 -17.81
N LYS B 180 5.59 -5.18 -18.97
CA LYS B 180 4.96 -5.20 -20.29
C LYS B 180 4.32 -6.59 -20.58
N ASP B 181 5.03 -7.68 -20.25
CA ASP B 181 4.54 -9.05 -20.44
C ASP B 181 3.33 -9.33 -19.58
N LEU B 182 3.39 -8.94 -18.30
CA LEU B 182 2.29 -9.15 -17.35
C LEU B 182 1.01 -8.50 -17.82
N PHE B 183 1.06 -7.20 -18.13
CA PHE B 183 -0.16 -6.47 -18.48
C PHE B 183 -0.58 -6.69 -19.92
N SER B 184 0.25 -7.36 -20.74
CA SER B 184 -0.14 -7.73 -22.10
C SER B 184 -1.21 -8.83 -22.04
N TRP B 185 -1.32 -9.52 -20.89
CA TRP B 185 -2.31 -10.58 -20.68
C TRP B 185 -3.74 -10.01 -20.69
N LEU B 186 -3.88 -8.68 -20.69
CA LEU B 186 -5.15 -7.96 -20.77
C LEU B 186 -5.59 -7.74 -22.21
N LEU B 187 -4.63 -7.82 -23.15
CA LEU B 187 -4.86 -7.58 -24.56
C LEU B 187 -5.47 -8.78 -25.27
C ACT C . -11.50 5.71 1.52
O ACT C . -11.62 6.16 2.65
OXT ACT C . -11.03 4.55 1.35
CH3 ACT C . -11.99 6.55 0.37
C ACT D . -9.84 4.36 -2.41
O ACT D . -9.59 5.58 -2.56
OXT ACT D . -8.92 3.52 -2.38
CH3 ACT D . -11.28 3.88 -2.31
C1 BU1 E . 3.42 25.11 -10.57
C2 BU1 E . 2.98 23.99 -11.53
C3 BU1 E . 1.46 24.03 -11.54
C4 BU1 E . 0.90 22.98 -12.49
O5 BU1 E . 4.83 25.26 -10.69
O6 BU1 E . -0.54 23.03 -12.34
CL CL F . 7.18 30.53 10.21
C1 EDO G . 0.57 6.96 -10.87
O1 EDO G . 0.40 5.53 -10.70
C2 EDO G . 1.92 7.24 -11.50
O2 EDO G . 1.77 7.68 -12.87
C1 EDO H . 2.48 21.03 23.52
O1 EDO H . 3.16 19.95 22.87
C2 EDO H . 2.64 22.35 22.75
O2 EDO H . 3.72 23.14 23.26
C1 EDO I . -0.26 25.05 -4.32
O1 EDO I . 1.05 25.38 -4.79
C2 EDO I . -0.54 23.61 -4.65
O2 EDO I . -1.87 23.31 -4.22
CL CL J . 2.52 -0.69 1.18
C1 EDO K . -1.00 0.32 0.31
O1 EDO K . -1.88 1.41 0.00
C2 EDO K . -0.45 -0.26 -0.99
O2 EDO K . -1.48 -0.89 -1.75
C1 EDO L . -10.57 -5.05 7.50
O1 EDO L . -10.17 -6.01 8.49
C2 EDO L . -9.56 -5.03 6.37
O2 EDO L . -9.23 -3.67 6.06
C1 EDO M . 9.46 3.46 -10.84
O1 EDO M . 10.31 2.60 -11.63
C2 EDO M . 9.20 2.81 -9.48
O2 EDO M . 10.00 3.41 -8.46
#